data_6YXQ
#
_entry.id   6YXQ
#
_cell.length_a   158.108
_cell.length_b   158.108
_cell.length_c   69.365
_cell.angle_alpha   90.000
_cell.angle_beta   90.000
_cell.angle_gamma   90.000
#
_symmetry.space_group_name_H-M   'I 4'
#
loop_
_entity.id
_entity.type
_entity.pdbx_description
1 polymer 'Activating signal cointegrator 1 complex subunit 3'
2 polymer 'Activating signal cointegrator 1 complex subunit 2'
3 water water
#
loop_
_entity_poly.entity_id
_entity_poly.type
_entity_poly.pdbx_seq_one_letter_code
_entity_poly.pdbx_strand_id
1 'polypeptide(L)'
;GAEFMALPRLTGALRSFSNVTKQDNYNEEVADLKIKRSKLHEQVLDLGLTWKKIIKFLNEKLEKSKMQSINEDLKDILHA
AKQIVGTDNGREAIESGAAFLFMTFHLKDSVGHKETKAIKQMFGPFPSSSATAACNATNRIISHFSQDDLTALVQMTEKE
HGDRVFFGKNLAFSFDMHDLDHFDELPINGETQKTISLDYKKFLNEHLQEA
;
A
2 'polypeptide(L)'
;GA(MSE)A(MSE)PALPLDQLQITHKDPKTGKLRTSPALHPEQKADRYFVLYKPPPKDNIPALVEEYLERATFVANDLDW
LLALPHDKFWCQVIFDETLQKCLDSYLRYVPRKFDEGVASAPEVVD(MSE)QKRLHRSVFLTFLR(MSE)STHKESKDHF
ISPSAFGEILYNNFLFDIPKILDLCVLFGKGNSPLLQK(MSE)IGNIFTQQPSYYSDLDETLPTILQVFSNILQHCGLQG
DGANTTPQKLEERGRLTPSD(MSE)PLLELKDIVLYLCDTCTTLWAFLDIFPLACQTFQKHDFCYRLASFYEAAIPE
(MSE)ESAIKKRRLEDSKLLGDLWQRLSHSRKKL(MSE)EIFHIILNQICLLPILESSCDNIQGFIEEFLQIFSSLLQEK
RFLRDYDALFPVAEDISLLQQASSVLDETRTAYILQAVESAWEGVDRRKATDAKDPSVIEEPNGEPNGVTVTA
;
B
#
# COMPACT_ATOMS: atom_id res chain seq x y z
N GLU A 3 -3.16 16.17 -9.67
CA GLU A 3 -2.88 15.99 -8.26
C GLU A 3 -3.48 14.69 -7.77
N PHE A 4 -2.62 13.80 -7.26
CA PHE A 4 -3.08 12.46 -6.89
C PHE A 4 -3.57 12.43 -5.45
N MET A 5 -3.09 13.35 -4.61
CA MET A 5 -3.72 13.61 -3.32
C MET A 5 -5.16 14.07 -3.49
N ALA A 6 -5.55 14.49 -4.70
CA ALA A 6 -6.91 14.92 -4.94
C ALA A 6 -7.84 13.77 -5.31
N LEU A 7 -7.30 12.67 -5.86
CA LEU A 7 -8.14 11.67 -6.49
C LEU A 7 -9.11 11.06 -5.48
N PRO A 8 -10.38 10.88 -5.86
CA PRO A 8 -11.41 10.44 -4.93
C PRO A 8 -11.28 8.95 -4.64
N ARG A 9 -11.04 8.61 -3.37
CA ARG A 9 -10.83 7.23 -2.96
C ARG A 9 -11.74 6.87 -1.79
N LEU A 10 -12.25 5.64 -1.83
CA LEU A 10 -13.17 5.17 -0.81
C LEU A 10 -12.54 5.24 0.57
N THR A 11 -11.31 4.75 0.71
CA THR A 11 -10.64 4.81 2.00
C THR A 11 -10.33 6.24 2.40
N GLY A 12 -10.21 7.14 1.42
CA GLY A 12 -10.10 8.55 1.74
C GLY A 12 -11.36 9.07 2.39
N ALA A 13 -12.51 8.75 1.80
CA ALA A 13 -13.78 9.14 2.41
C ALA A 13 -13.94 8.49 3.78
N LEU A 14 -13.54 7.23 3.90
CA LEU A 14 -13.66 6.53 5.18
C LEU A 14 -12.82 7.20 6.25
N ARG A 15 -11.60 7.61 5.90
CA ARG A 15 -10.74 8.28 6.86
C ARG A 15 -11.29 9.65 7.23
N SER A 16 -11.81 10.38 6.24
CA SER A 16 -12.34 11.72 6.52
C SER A 16 -13.51 11.66 7.48
N PHE A 17 -14.36 10.65 7.36
CA PHE A 17 -15.60 10.60 8.14
C PHE A 17 -15.30 10.49 9.63
N SER A 18 -14.38 9.61 10.02
CA SER A 18 -14.07 9.41 11.43
C SER A 18 -12.77 10.08 11.87
N ASN A 19 -12.01 10.68 10.95
CA ASN A 19 -10.79 11.39 11.29
C ASN A 19 -10.75 12.76 10.59
N VAL A 20 -11.74 13.59 10.90
CA VAL A 20 -11.63 15.02 10.62
C VAL A 20 -10.36 15.57 11.25
N THR A 21 -10.21 15.37 12.55
CA THR A 21 -9.03 15.63 13.35
C THR A 21 -7.72 15.52 12.58
N LYS A 22 -7.50 14.35 11.97
CA LYS A 22 -6.19 13.99 11.48
C LYS A 22 -5.86 14.50 10.08
N GLN A 23 -6.85 14.92 9.29
CA GLN A 23 -6.50 15.31 7.93
C GLN A 23 -5.73 16.63 7.90
N ASP A 24 -6.19 17.66 8.61
CA ASP A 24 -5.31 18.80 8.79
C ASP A 24 -4.42 18.64 10.02
N ASN A 25 -4.38 17.46 10.64
CA ASN A 25 -3.30 17.13 11.58
C ASN A 25 -1.95 17.11 10.90
N TYR A 26 -1.93 16.84 9.59
CA TYR A 26 -0.69 16.76 8.83
C TYR A 26 -0.46 18.03 8.00
N ASN A 27 -1.01 19.15 8.48
CA ASN A 27 -0.69 20.52 8.10
C ASN A 27 0.77 20.82 8.40
N GLU A 28 1.66 19.98 7.91
CA GLU A 28 3.07 20.06 8.26
C GLU A 28 3.84 19.87 6.96
N GLU A 29 4.69 20.82 6.60
CA GLU A 29 5.58 20.51 5.49
C GLU A 29 7.04 20.66 5.92
N VAL A 30 7.73 21.80 5.72
CA VAL A 30 9.17 21.67 5.99
C VAL A 30 9.49 21.74 7.47
N ALA A 31 8.53 22.02 8.35
CA ALA A 31 8.76 21.61 9.73
C ALA A 31 8.97 20.09 9.78
N ASP A 32 8.06 19.38 9.09
CA ASP A 32 8.10 17.91 8.99
C ASP A 32 9.44 17.40 8.50
N LEU A 33 9.89 17.85 7.33
CA LEU A 33 11.11 17.30 6.74
C LEU A 33 12.35 17.87 7.38
N LYS A 34 12.26 19.11 7.83
CA LYS A 34 13.42 19.68 8.47
C LYS A 34 13.84 18.95 9.71
N ILE A 35 12.90 18.61 10.58
CA ILE A 35 13.37 17.90 11.75
C ILE A 35 14.03 16.59 11.33
N LYS A 36 13.59 15.99 10.21
CA LYS A 36 14.29 14.81 9.68
C LYS A 36 15.73 15.14 9.33
N ARG A 37 15.93 16.26 8.62
CA ARG A 37 17.28 16.70 8.30
C ARG A 37 18.09 16.96 9.56
N SER A 38 17.43 17.47 10.61
CA SER A 38 18.09 17.76 11.87
C SER A 38 18.72 16.52 12.48
N LYS A 39 18.07 15.36 12.34
CA LYS A 39 18.55 14.14 12.97
C LYS A 39 19.13 13.13 12.00
N LEU A 40 19.25 13.46 10.71
CA LEU A 40 19.79 12.49 9.77
C LEU A 40 21.31 12.36 9.86
N HIS A 41 21.97 13.08 10.77
CA HIS A 41 23.43 13.09 10.76
C HIS A 41 24.01 11.75 11.15
N GLU A 42 23.45 11.11 12.18
CA GLU A 42 23.93 9.80 12.64
C GLU A 42 23.04 8.66 12.17
N GLN A 43 22.06 8.94 11.31
CA GLN A 43 21.11 7.89 10.93
C GLN A 43 21.73 6.86 9.99
N VAL A 44 22.73 7.24 9.21
CA VAL A 44 23.41 6.29 8.33
C VAL A 44 24.60 5.71 9.10
N LEU A 45 24.48 4.44 9.46
CA LEU A 45 25.56 3.74 10.16
C LEU A 45 26.77 3.57 9.25
N ASP A 46 26.51 3.16 8.02
CA ASP A 46 27.49 2.65 7.08
C ASP A 46 26.79 2.53 5.73
N LEU A 47 27.58 2.42 4.68
CA LEU A 47 27.01 2.01 3.40
C LEU A 47 27.62 0.65 3.08
N GLY A 48 27.47 0.19 1.85
CA GLY A 48 28.01 -1.07 1.39
C GLY A 48 29.32 -1.47 2.02
N LEU A 49 30.35 -0.64 1.86
CA LEU A 49 31.66 -0.96 2.40
C LEU A 49 32.16 0.18 3.27
N THR A 50 32.61 -0.17 4.47
CA THR A 50 33.15 0.79 5.40
C THR A 50 34.59 1.15 5.01
N TRP A 51 35.11 2.18 5.68
CA TRP A 51 36.45 2.70 5.38
C TRP A 51 37.53 1.65 5.63
N LYS A 52 37.43 0.92 6.76
CA LYS A 52 38.40 -0.13 7.06
C LYS A 52 38.35 -1.24 6.01
N LYS A 53 37.15 -1.65 5.60
CA LYS A 53 37.03 -2.63 4.52
C LYS A 53 37.67 -2.12 3.24
N ILE A 54 37.51 -0.82 2.96
CA ILE A 54 38.05 -0.25 1.73
C ILE A 54 39.58 -0.28 1.74
N ILE A 55 40.19 0.09 2.85
CA ILE A 55 41.66 0.08 2.83
C ILE A 55 42.19 -1.36 2.95
N LYS A 56 41.42 -2.28 3.56
CA LYS A 56 41.79 -3.68 3.49
C LYS A 56 41.83 -4.16 2.04
N PHE A 57 40.76 -3.89 1.29
CA PHE A 57 40.73 -4.25 -0.13
C PHE A 57 41.91 -3.65 -0.87
N LEU A 58 42.11 -2.34 -0.72
CA LEU A 58 43.18 -1.67 -1.46
C LEU A 58 44.54 -2.29 -1.17
N ASN A 59 44.82 -2.60 0.10
CA ASN A 59 46.12 -3.17 0.46
C ASN A 59 46.24 -4.61 0.00
N GLU A 60 45.12 -5.32 -0.06
CA GLU A 60 45.11 -6.72 -0.42
C GLU A 60 45.29 -6.93 -1.93
N LYS A 61 44.95 -5.93 -2.75
CA LYS A 61 44.92 -6.09 -4.20
C LYS A 61 46.04 -5.37 -4.92
N LEU A 62 46.74 -4.45 -4.27
CA LEU A 62 47.70 -3.58 -4.94
C LEU A 62 49.08 -3.69 -4.28
N GLU A 63 50.11 -3.46 -5.07
CA GLU A 63 51.48 -3.58 -4.57
C GLU A 63 51.86 -2.33 -3.77
N LYS A 64 52.83 -2.53 -2.86
CA LYS A 64 53.32 -1.46 -2.00
C LYS A 64 53.73 -0.24 -2.82
N SER A 65 54.32 -0.51 -4.00
CA SER A 65 54.68 0.49 -4.99
C SER A 65 53.61 1.57 -5.11
N LYS A 66 52.39 1.16 -5.43
CA LYS A 66 51.30 2.08 -5.68
C LYS A 66 50.51 2.42 -4.42
N MET A 67 50.57 1.57 -3.39
CA MET A 67 49.99 1.94 -2.10
C MET A 67 50.62 3.23 -1.57
N GLN A 68 51.90 3.45 -1.85
CA GLN A 68 52.56 4.68 -1.41
C GLN A 68 51.79 5.93 -1.84
N SER A 69 51.41 6.01 -3.13
CA SER A 69 50.63 7.14 -3.62
C SER A 69 49.16 7.06 -3.21
N ILE A 70 48.62 5.85 -3.13
CA ILE A 70 47.22 5.69 -2.81
C ILE A 70 46.92 6.16 -1.39
N ASN A 71 47.91 6.12 -0.50
CA ASN A 71 47.69 6.63 0.86
C ASN A 71 47.50 8.15 0.85
N GLU A 72 48.26 8.88 0.02
CA GLU A 72 48.01 10.31 -0.12
C GLU A 72 46.65 10.58 -0.74
N ASP A 73 46.25 9.76 -1.70
CA ASP A 73 44.90 9.92 -2.26
C ASP A 73 43.82 9.73 -1.19
N LEU A 74 43.99 8.69 -0.36
CA LEU A 74 43.03 8.44 0.72
C LEU A 74 43.03 9.57 1.74
N LYS A 75 44.18 10.21 1.96
CA LYS A 75 44.21 11.37 2.84
C LYS A 75 43.45 12.54 2.24
N ASP A 76 43.55 12.70 0.92
CA ASP A 76 42.73 13.71 0.24
C ASP A 76 41.24 13.45 0.47
N ILE A 77 40.84 12.18 0.36
CA ILE A 77 39.43 11.83 0.58
C ILE A 77 39.03 12.08 2.04
N LEU A 78 39.91 11.74 2.98
CA LEU A 78 39.63 11.99 4.39
C LEU A 78 39.45 13.48 4.66
N HIS A 79 40.30 14.31 4.05
CA HIS A 79 40.16 15.76 4.20
C HIS A 79 38.82 16.25 3.63
N ALA A 80 38.45 15.75 2.45
CA ALA A 80 37.17 16.13 1.87
C ALA A 80 36.01 15.74 2.78
N ALA A 81 36.07 14.54 3.36
CA ALA A 81 35.00 14.13 4.27
C ALA A 81 35.00 15.01 5.52
N LYS A 82 36.17 15.36 6.04
CA LYS A 82 36.23 16.26 7.18
C LYS A 82 35.49 17.56 6.88
N GLN A 83 35.74 18.14 5.70
CA GLN A 83 35.01 19.34 5.31
C GLN A 83 33.51 19.09 5.22
N ILE A 84 33.11 17.98 4.59
CA ILE A 84 31.68 17.73 4.39
C ILE A 84 30.99 17.36 5.70
N VAL A 85 31.55 16.38 6.41
CA VAL A 85 30.89 15.87 7.61
C VAL A 85 31.00 16.86 8.76
N GLY A 86 32.14 17.54 8.89
CA GLY A 86 32.41 18.36 10.06
C GLY A 86 33.10 17.55 11.15
N THR A 87 33.89 18.25 11.97
CA THR A 87 34.73 17.56 12.94
C THR A 87 34.06 17.32 14.28
N ASP A 88 32.86 17.85 14.51
CA ASP A 88 32.27 17.75 15.84
C ASP A 88 31.56 16.41 16.05
N ASN A 89 31.14 15.74 14.98
CA ASN A 89 30.59 14.40 15.13
C ASN A 89 31.67 13.35 15.40
N GLY A 90 32.91 13.61 14.98
CA GLY A 90 34.04 12.83 15.44
C GLY A 90 34.77 12.14 14.31
N ARG A 91 35.82 11.40 14.71
CA ARG A 91 36.73 10.76 13.75
C ARG A 91 36.02 9.68 12.95
N GLU A 92 35.31 8.77 13.64
CA GLU A 92 34.66 7.66 12.94
C GLU A 92 33.59 8.15 11.99
N ALA A 93 32.93 9.25 12.32
CA ALA A 93 31.92 9.83 11.44
C ALA A 93 32.55 10.34 10.15
N ILE A 94 33.69 11.03 10.24
CA ILE A 94 34.30 11.51 9.01
C ILE A 94 34.95 10.35 8.23
N GLU A 95 35.36 9.29 8.92
CA GLU A 95 35.86 8.13 8.19
C GLU A 95 34.74 7.43 7.42
N SER A 96 33.55 7.29 8.03
CA SER A 96 32.44 6.71 7.28
C SER A 96 31.97 7.64 6.18
N GLY A 97 32.10 8.95 6.37
CA GLY A 97 31.85 9.88 5.28
C GLY A 97 32.85 9.73 4.14
N ALA A 98 34.11 9.48 4.48
CA ALA A 98 35.12 9.22 3.45
C ALA A 98 34.82 7.94 2.69
N ALA A 99 34.38 6.90 3.40
CA ALA A 99 33.98 5.66 2.73
C ALA A 99 32.79 5.91 1.81
N PHE A 100 31.83 6.71 2.28
CA PHE A 100 30.69 7.07 1.45
C PHE A 100 31.12 7.85 0.20
N LEU A 101 32.08 8.76 0.36
CA LEU A 101 32.58 9.52 -0.79
C LEU A 101 33.26 8.58 -1.79
N PHE A 102 34.18 7.74 -1.31
CA PHE A 102 34.87 6.81 -2.19
C PHE A 102 33.89 5.96 -2.96
N MET A 103 32.90 5.39 -2.25
CA MET A 103 31.92 4.55 -2.91
C MET A 103 31.02 5.35 -3.86
N THR A 104 30.84 6.64 -3.59
CA THR A 104 30.04 7.46 -4.48
C THR A 104 30.74 7.63 -5.83
N PHE A 105 32.07 7.72 -5.84
CA PHE A 105 32.81 8.07 -7.05
C PHE A 105 33.67 6.92 -7.58
N HIS A 106 33.59 5.73 -6.99
CA HIS A 106 34.52 4.67 -7.42
C HIS A 106 34.21 4.15 -8.81
N LEU A 107 33.01 4.41 -9.34
CA LEU A 107 32.64 4.02 -10.70
C LEU A 107 32.31 5.22 -11.60
N LYS A 108 32.56 6.43 -11.13
CA LYS A 108 32.25 7.64 -11.88
C LYS A 108 33.47 8.55 -11.88
N ASP A 109 33.76 9.17 -13.03
CA ASP A 109 34.97 9.96 -13.20
C ASP A 109 34.71 11.46 -13.16
N SER A 110 33.54 11.88 -12.69
CA SER A 110 33.23 13.31 -12.61
C SER A 110 32.14 13.51 -11.57
N VAL A 111 31.88 14.78 -11.26
CA VAL A 111 30.86 15.16 -10.31
C VAL A 111 29.58 15.45 -11.07
N GLY A 112 28.53 14.67 -10.80
CA GLY A 112 27.26 14.83 -11.47
C GLY A 112 26.14 15.18 -10.51
N HIS A 113 24.99 15.54 -11.10
CA HIS A 113 23.80 15.89 -10.32
C HIS A 113 23.44 14.78 -9.34
N LYS A 114 23.58 13.52 -9.78
CA LYS A 114 23.26 12.39 -8.92
C LYS A 114 24.14 12.37 -7.66
N GLU A 115 25.44 12.60 -7.83
CA GLU A 115 26.36 12.48 -6.71
C GLU A 115 26.28 13.68 -5.77
N THR A 116 26.12 14.88 -6.33
CA THR A 116 25.91 16.05 -5.46
C THR A 116 24.63 15.89 -4.65
N LYS A 117 23.54 15.44 -5.31
CA LYS A 117 22.29 15.26 -4.58
C LYS A 117 22.40 14.17 -3.54
N ALA A 118 23.17 13.11 -3.83
CA ALA A 118 23.33 12.04 -2.86
C ALA A 118 24.08 12.53 -1.64
N ILE A 119 25.18 13.24 -1.85
CA ILE A 119 25.94 13.78 -0.72
C ILE A 119 25.07 14.74 0.09
N LYS A 120 24.25 15.55 -0.59
CA LYS A 120 23.38 16.48 0.14
C LYS A 120 22.35 15.73 0.96
N GLN A 121 21.74 14.70 0.38
CA GLN A 121 20.81 13.85 1.11
C GLN A 121 21.44 13.26 2.36
N MET A 122 22.72 12.89 2.27
CA MET A 122 23.35 12.23 3.40
C MET A 122 23.83 13.21 4.48
N PHE A 123 24.32 14.40 4.11
CA PHE A 123 24.92 15.31 5.08
C PHE A 123 24.41 16.74 4.99
N GLY A 124 23.35 17.00 4.23
CA GLY A 124 22.86 18.35 4.07
C GLY A 124 23.68 19.10 3.06
N PRO A 125 23.57 20.43 3.06
CA PRO A 125 24.35 21.23 2.10
C PRO A 125 25.82 21.24 2.45
N PHE A 126 26.65 21.27 1.41
CA PHE A 126 28.10 21.07 1.54
C PHE A 126 28.81 21.83 0.44
N PRO A 127 30.10 22.11 0.60
CA PRO A 127 30.87 22.71 -0.49
C PRO A 127 31.18 21.68 -1.58
N SER A 128 30.82 22.03 -2.82
CA SER A 128 31.04 21.13 -3.94
C SER A 128 32.52 21.00 -4.31
N SER A 129 33.35 21.97 -3.93
CA SER A 129 34.79 21.84 -4.16
C SER A 129 35.33 20.56 -3.53
N SER A 130 34.78 20.15 -2.38
CA SER A 130 35.23 18.95 -1.70
C SER A 130 34.75 17.69 -2.40
N ALA A 131 33.55 17.74 -2.97
CA ALA A 131 33.10 16.66 -3.84
C ALA A 131 34.06 16.48 -5.00
N THR A 132 34.50 17.60 -5.61
CA THR A 132 35.47 17.50 -6.70
C THR A 132 36.77 16.86 -6.20
N ALA A 133 37.26 17.31 -5.06
CA ALA A 133 38.52 16.79 -4.52
C ALA A 133 38.42 15.29 -4.28
N ALA A 134 37.34 14.85 -3.63
CA ALA A 134 37.15 13.43 -3.33
C ALA A 134 37.00 12.61 -4.60
N CYS A 135 36.29 13.13 -5.61
CA CYS A 135 36.16 12.40 -6.86
C CYS A 135 37.51 12.28 -7.57
N ASN A 136 38.32 13.35 -7.57
CA ASN A 136 39.64 13.27 -8.19
C ASN A 136 40.52 12.25 -7.48
N ALA A 137 40.52 12.24 -6.15
CA ALA A 137 41.33 11.27 -5.41
C ALA A 137 40.86 9.84 -5.69
N THR A 138 39.55 9.64 -5.71
CA THR A 138 39.01 8.30 -5.96
C THR A 138 39.40 7.80 -7.35
N ASN A 139 39.33 8.67 -8.35
CA ASN A 139 39.68 8.23 -9.70
C ASN A 139 41.17 8.01 -9.83
N ARG A 140 41.98 8.80 -9.13
CA ARG A 140 43.40 8.52 -9.05
C ARG A 140 43.63 7.11 -8.52
N ILE A 141 42.93 6.74 -7.45
CA ILE A 141 43.09 5.41 -6.87
C ILE A 141 42.67 4.33 -7.86
N ILE A 142 41.48 4.48 -8.45
CA ILE A 142 40.96 3.43 -9.33
C ILE A 142 41.82 3.30 -10.58
N SER A 143 42.53 4.35 -10.97
CA SER A 143 43.41 4.26 -12.12
C SER A 143 44.52 3.23 -11.93
N HIS A 144 44.72 2.73 -10.70
CA HIS A 144 45.66 1.67 -10.43
C HIS A 144 45.00 0.29 -10.40
N PHE A 145 43.68 0.22 -10.42
CA PHE A 145 43.01 -1.08 -10.43
C PHE A 145 43.21 -1.72 -11.79
N SER A 146 43.46 -3.02 -11.78
CA SER A 146 43.17 -3.81 -12.96
C SER A 146 41.67 -4.09 -12.98
N GLN A 147 41.19 -4.52 -14.15
CA GLN A 147 39.76 -4.67 -14.32
C GLN A 147 39.22 -5.90 -13.58
N ASP A 148 40.06 -6.92 -13.42
CA ASP A 148 39.74 -8.00 -12.49
C ASP A 148 39.60 -7.46 -11.06
N ASP A 149 40.50 -6.58 -10.65
CA ASP A 149 40.39 -5.95 -9.33
C ASP A 149 39.09 -5.16 -9.21
N LEU A 150 38.73 -4.42 -10.26
CA LEU A 150 37.51 -3.61 -10.20
C LEU A 150 36.28 -4.50 -10.05
N THR A 151 36.22 -5.60 -10.80
CA THR A 151 35.08 -6.51 -10.64
C THR A 151 35.08 -7.16 -9.28
N ALA A 152 36.27 -7.41 -8.71
CA ALA A 152 36.32 -7.90 -7.34
C ALA A 152 35.70 -6.89 -6.38
N LEU A 153 36.00 -5.61 -6.55
CA LEU A 153 35.40 -4.59 -5.70
C LEU A 153 33.89 -4.55 -5.90
N VAL A 154 33.44 -4.60 -7.15
CA VAL A 154 32.00 -4.54 -7.41
C VAL A 154 31.30 -5.73 -6.79
N GLN A 155 31.87 -6.93 -6.96
CA GLN A 155 31.31 -8.14 -6.37
C GLN A 155 31.27 -8.03 -4.85
N MET A 156 32.30 -7.41 -4.26
CA MET A 156 32.32 -7.26 -2.80
C MET A 156 31.23 -6.32 -2.33
N THR A 157 31.02 -5.20 -3.03
CA THR A 157 29.90 -4.32 -2.67
C THR A 157 28.57 -5.04 -2.83
N GLU A 158 28.42 -5.79 -3.92
CA GLU A 158 27.16 -6.47 -4.19
C GLU A 158 26.88 -7.54 -3.15
N LYS A 159 27.92 -8.27 -2.75
CA LYS A 159 27.77 -9.35 -1.79
C LYS A 159 27.32 -8.82 -0.44
N GLU A 160 27.98 -7.78 0.06
CA GLU A 160 27.61 -7.30 1.39
C GLU A 160 26.21 -6.70 1.39
N HIS A 161 25.84 -6.01 0.31
CA HIS A 161 24.45 -5.58 0.19
C HIS A 161 23.52 -6.80 0.16
N GLY A 162 23.95 -7.88 -0.47
CA GLY A 162 23.14 -9.09 -0.50
C GLY A 162 23.13 -9.82 0.83
N ASP A 163 24.24 -9.79 1.55
CA ASP A 163 24.31 -10.47 2.84
C ASP A 163 23.48 -9.79 3.91
N ARG A 164 23.03 -8.55 3.69
CA ARG A 164 22.15 -7.88 4.66
C ARG A 164 20.90 -8.73 4.89
N VAL A 165 20.47 -8.80 6.15
CA VAL A 165 19.29 -9.57 6.51
C VAL A 165 18.24 -8.62 7.09
N PHE A 166 17.01 -8.77 6.63
CA PHE A 166 15.86 -8.01 7.12
C PHE A 166 14.65 -8.94 7.10
N PHE A 167 13.61 -8.56 7.84
CA PHE A 167 12.44 -9.42 7.97
C PHE A 167 11.75 -9.63 6.63
N GLY A 168 11.45 -10.89 6.31
CA GLY A 168 10.79 -11.22 5.06
C GLY A 168 11.66 -11.08 3.84
N LYS A 169 12.98 -11.17 4.00
CA LYS A 169 13.90 -10.92 2.89
C LYS A 169 13.78 -11.99 1.81
N ASN A 170 13.78 -13.26 2.21
CA ASN A 170 13.74 -14.36 1.25
C ASN A 170 12.32 -14.69 0.79
N LEU A 171 11.32 -13.94 1.24
CA LEU A 171 9.93 -14.26 0.92
C LEU A 171 9.62 -13.97 -0.55
N ALA A 172 8.68 -14.75 -1.09
CA ALA A 172 8.18 -14.50 -2.43
C ALA A 172 7.21 -13.33 -2.41
N PHE A 173 7.36 -12.44 -3.39
CA PHE A 173 6.58 -11.20 -3.44
C PHE A 173 6.30 -10.87 -4.88
N SER A 174 5.11 -10.32 -5.12
CA SER A 174 4.65 -9.98 -6.46
C SER A 174 4.35 -8.50 -6.53
N PHE A 175 4.73 -7.89 -7.64
CA PHE A 175 4.43 -6.49 -7.91
C PHE A 175 3.20 -6.33 -8.79
N ASP A 176 2.47 -7.42 -9.02
CA ASP A 176 1.23 -7.36 -9.80
C ASP A 176 0.13 -6.70 -8.96
N MET A 177 -0.43 -5.61 -9.47
CA MET A 177 -1.46 -4.86 -8.76
C MET A 177 -2.76 -4.94 -9.54
N HIS A 178 -3.87 -4.80 -8.82
CA HIS A 178 -5.18 -4.84 -9.46
C HIS A 178 -5.31 -3.73 -10.49
N ASP A 179 -5.72 -4.09 -11.70
CA ASP A 179 -5.86 -3.16 -12.82
C ASP A 179 -7.31 -3.13 -13.28
N LEU A 180 -7.56 -2.30 -14.30
CA LEU A 180 -8.86 -2.29 -14.94
C LEU A 180 -9.01 -3.53 -15.81
N ASP A 181 -10.14 -4.20 -15.68
CA ASP A 181 -10.44 -5.28 -16.60
C ASP A 181 -10.70 -4.73 -17.99
N HIS A 182 -10.30 -5.49 -18.99
CA HIS A 182 -10.38 -5.00 -20.36
C HIS A 182 -11.78 -5.21 -20.91
N PHE A 183 -12.46 -4.11 -21.19
CA PHE A 183 -13.68 -4.11 -21.93
C PHE A 183 -13.44 -3.30 -23.15
N ASP A 184 -14.51 -2.93 -23.81
CA ASP A 184 -14.37 -2.45 -25.17
C ASP A 184 -15.05 -1.13 -25.39
N GLU A 185 -14.44 -0.40 -26.30
CA GLU A 185 -14.77 0.99 -26.48
C GLU A 185 -16.21 1.14 -26.92
N LEU A 186 -16.84 2.14 -26.36
CA LEU A 186 -18.13 2.61 -26.79
C LEU A 186 -18.14 2.56 -28.31
N PRO A 187 -19.04 1.80 -28.93
CA PRO A 187 -19.01 1.70 -30.39
C PRO A 187 -19.35 3.02 -31.04
N ILE A 188 -19.23 3.08 -32.36
CA ILE A 188 -19.44 4.33 -33.08
C ILE A 188 -20.93 4.62 -33.18
N ASN A 189 -21.31 5.85 -32.84
CA ASN A 189 -22.70 6.25 -32.64
C ASN A 189 -23.33 6.76 -33.94
N GLY A 190 -24.63 6.54 -34.06
CA GLY A 190 -25.38 7.02 -35.20
C GLY A 190 -26.28 5.98 -35.85
N PRO B 6 12.88 -22.09 28.47
CA PRO B 6 11.62 -21.82 27.77
C PRO B 6 11.65 -20.47 27.06
N ALA B 7 10.66 -20.21 26.21
CA ALA B 7 10.56 -18.96 25.47
C ALA B 7 9.42 -18.13 26.06
N LEU B 8 9.74 -16.90 26.46
CA LEU B 8 8.79 -15.99 27.08
C LEU B 8 8.26 -15.01 26.04
N PRO B 9 6.95 -14.90 25.87
CA PRO B 9 6.41 -13.97 24.87
C PRO B 9 6.71 -12.52 25.24
N LEU B 10 6.80 -11.70 24.20
CA LEU B 10 7.36 -10.36 24.31
C LEU B 10 6.60 -9.49 25.30
N ASP B 11 5.26 -9.58 25.29
CA ASP B 11 4.46 -8.64 26.07
C ASP B 11 4.77 -8.74 27.55
N GLN B 12 5.08 -9.95 28.05
CA GLN B 12 5.34 -10.15 29.46
C GLN B 12 6.82 -10.32 29.79
N LEU B 13 7.71 -10.23 28.79
CA LEU B 13 9.14 -10.37 29.06
C LEU B 13 9.70 -9.08 29.64
N GLN B 14 10.61 -9.24 30.61
CA GLN B 14 11.20 -8.12 31.33
C GLN B 14 12.67 -7.98 30.94
N ILE B 15 13.11 -6.74 30.77
CA ILE B 15 14.52 -6.41 30.53
C ILE B 15 14.96 -5.43 31.60
N THR B 16 16.16 -5.65 32.14
CA THR B 16 16.70 -4.75 33.15
C THR B 16 17.20 -3.48 32.50
N HIS B 17 16.90 -2.34 33.12
CA HIS B 17 17.32 -1.05 32.61
C HIS B 17 17.55 -0.09 33.77
N LYS B 18 18.44 0.87 33.56
CA LYS B 18 18.72 1.86 34.59
C LYS B 18 17.58 2.87 34.69
N ASP B 19 17.25 3.26 35.93
CA ASP B 19 16.19 4.22 36.24
C ASP B 19 16.79 5.62 36.27
N PRO B 20 16.00 6.69 36.43
CA PRO B 20 16.63 8.03 36.50
C PRO B 20 17.69 8.12 37.57
N LYS B 21 17.53 7.40 38.69
CA LYS B 21 18.47 7.54 39.79
C LYS B 21 19.84 7.00 39.41
N THR B 22 20.86 7.77 39.76
CA THR B 22 22.25 7.37 39.61
C THR B 22 22.43 5.88 39.89
N GLY B 23 23.07 5.18 38.96
CA GLY B 23 23.65 3.85 39.19
C GLY B 23 22.72 2.86 39.87
N LYS B 24 21.45 2.81 39.42
CA LYS B 24 20.39 1.99 40.00
C LYS B 24 19.64 1.26 38.89
N LEU B 25 19.60 -0.06 39.00
CA LEU B 25 18.98 -0.88 37.97
C LEU B 25 17.64 -1.41 38.44
N ARG B 26 16.61 -1.22 37.62
CA ARG B 26 15.29 -1.76 37.91
C ARG B 26 14.83 -2.60 36.74
N THR B 27 14.31 -3.80 37.01
CA THR B 27 13.74 -4.60 35.94
C THR B 27 12.42 -3.99 35.49
N SER B 28 12.16 -4.03 34.20
CA SER B 28 11.06 -3.30 33.59
C SER B 28 10.58 -4.08 32.38
N PRO B 29 9.41 -3.75 31.83
CA PRO B 29 8.93 -4.50 30.67
C PRO B 29 9.80 -4.28 29.46
N ALA B 30 9.79 -5.28 28.57
CA ALA B 30 10.53 -5.18 27.32
C ALA B 30 10.09 -3.95 26.54
N LEU B 31 8.83 -3.92 26.12
CA LEU B 31 8.30 -2.76 25.38
C LEU B 31 8.22 -1.54 26.29
N HIS B 32 8.78 -0.42 25.83
CA HIS B 32 8.79 0.80 26.63
C HIS B 32 9.08 1.98 25.72
N PRO B 33 8.51 3.17 26.00
CA PRO B 33 8.68 4.33 25.10
C PRO B 33 10.12 4.71 24.77
N GLU B 34 11.04 4.72 25.74
CA GLU B 34 12.38 5.19 25.42
C GLU B 34 13.32 4.08 24.99
N GLN B 35 12.90 2.83 25.05
CA GLN B 35 13.60 1.80 24.30
C GLN B 35 13.38 1.95 22.79
N LYS B 36 12.31 2.64 22.39
CA LYS B 36 12.12 2.97 20.99
C LYS B 36 13.27 3.87 20.51
N ALA B 37 13.59 3.75 19.22
CA ALA B 37 14.62 4.58 18.63
C ALA B 37 14.06 5.96 18.31
N ASP B 38 14.96 6.94 18.20
CA ASP B 38 14.57 8.31 17.94
C ASP B 38 14.49 8.63 16.46
N ARG B 39 14.43 7.62 15.60
CA ARG B 39 14.37 7.87 14.17
C ARG B 39 13.05 8.55 13.80
N TYR B 40 13.15 9.74 13.24
CA TYR B 40 11.98 10.44 12.74
C TYR B 40 11.49 9.79 11.44
N PHE B 41 10.18 9.84 11.23
CA PHE B 41 9.55 9.34 10.02
C PHE B 41 8.77 10.47 9.36
N VAL B 42 9.04 10.72 8.09
CA VAL B 42 8.29 11.72 7.35
C VAL B 42 7.15 11.06 6.59
N LEU B 43 6.16 11.88 6.24
CA LEU B 43 5.00 11.40 5.50
C LEU B 43 5.34 11.18 4.03
N TYR B 44 4.48 10.41 3.38
CA TYR B 44 4.65 10.06 1.97
C TYR B 44 3.76 10.93 1.10
N LYS B 45 4.33 11.46 0.03
CA LYS B 45 3.56 12.15 -1.00
C LYS B 45 3.81 11.49 -2.35
N PRO B 46 2.77 11.29 -3.15
CA PRO B 46 2.94 10.58 -4.43
C PRO B 46 3.64 11.45 -5.45
N PRO B 47 4.16 10.84 -6.52
CA PRO B 47 4.94 11.60 -7.53
C PRO B 47 4.08 12.58 -8.29
N PRO B 48 4.68 13.58 -8.95
CA PRO B 48 3.89 14.50 -9.78
C PRO B 48 3.22 13.74 -10.92
N LYS B 49 2.24 14.41 -11.55
CA LYS B 49 1.47 13.70 -12.58
C LYS B 49 2.21 13.65 -13.91
N ASP B 50 3.05 14.64 -14.22
CA ASP B 50 3.97 14.49 -15.32
C ASP B 50 5.38 14.78 -14.85
N ASN B 51 6.36 14.17 -15.54
CA ASN B 51 7.76 14.18 -15.12
C ASN B 51 8.36 15.58 -15.16
N ILE B 52 7.87 16.47 -14.31
CA ILE B 52 8.42 17.81 -14.16
C ILE B 52 9.68 17.68 -13.28
N PRO B 53 10.88 17.93 -13.82
CA PRO B 53 12.11 17.64 -13.06
C PRO B 53 12.13 18.15 -11.62
N ALA B 54 11.71 19.40 -11.40
CA ALA B 54 11.78 19.96 -10.05
C ALA B 54 10.86 19.23 -9.08
N LEU B 55 9.64 18.90 -9.52
CA LEU B 55 8.71 18.16 -8.67
C LEU B 55 9.20 16.73 -8.41
N VAL B 56 9.78 16.10 -9.44
CA VAL B 56 10.26 14.72 -9.33
C VAL B 56 11.30 14.61 -8.22
N GLU B 57 12.19 15.60 -8.09
CA GLU B 57 13.26 15.50 -7.11
C GLU B 57 12.76 15.79 -5.70
N GLU B 58 11.74 16.65 -5.57
CA GLU B 58 11.09 16.79 -4.28
C GLU B 58 10.51 15.47 -3.81
N TYR B 59 9.73 14.82 -4.69
CA TYR B 59 9.22 13.50 -4.37
C TYR B 59 10.36 12.54 -4.04
N LEU B 60 11.47 12.61 -4.79
CA LEU B 60 12.57 11.67 -4.60
C LEU B 60 13.20 11.84 -3.22
N GLU B 61 13.43 13.09 -2.82
CA GLU B 61 13.97 13.36 -1.49
C GLU B 61 13.10 12.73 -0.41
N ARG B 62 11.81 13.09 -0.41
CA ARG B 62 10.89 12.54 0.60
C ARG B 62 10.87 11.01 0.57
N ALA B 63 10.77 10.45 -0.64
CA ALA B 63 10.64 9.02 -0.76
C ALA B 63 11.89 8.28 -0.27
N THR B 64 13.09 8.86 -0.46
CA THR B 64 14.30 8.16 0.01
C THR B 64 14.39 8.20 1.51
N PHE B 65 13.97 9.31 2.13
CA PHE B 65 13.84 9.28 3.59
C PHE B 65 12.98 8.10 4.03
N VAL B 66 11.77 7.99 3.44
CA VAL B 66 10.84 6.93 3.85
C VAL B 66 11.45 5.55 3.64
N ALA B 67 12.04 5.32 2.46
CA ALA B 67 12.51 3.98 2.13
C ALA B 67 13.71 3.58 2.97
N ASN B 68 14.62 4.52 3.25
CA ASN B 68 15.74 4.18 4.12
C ASN B 68 15.27 3.85 5.53
N ASP B 69 14.33 4.65 6.05
CA ASP B 69 13.79 4.34 7.37
C ASP B 69 13.13 2.96 7.39
N LEU B 70 12.41 2.61 6.33
CA LEU B 70 11.71 1.33 6.32
C LEU B 70 12.68 0.16 6.17
N ASP B 71 13.74 0.34 5.38
CA ASP B 71 14.78 -0.67 5.29
C ASP B 71 15.37 -0.95 6.66
N TRP B 72 15.68 0.11 7.40
CA TRP B 72 16.24 -0.04 8.74
C TRP B 72 15.25 -0.70 9.69
N LEU B 73 13.97 -0.31 9.58
CA LEU B 73 12.92 -0.89 10.41
C LEU B 73 12.79 -2.39 10.18
N LEU B 74 12.89 -2.83 8.93
CA LEU B 74 12.88 -4.27 8.66
C LEU B 74 14.15 -4.94 9.16
N ALA B 75 15.27 -4.21 9.17
CA ALA B 75 16.50 -4.78 9.71
C ALA B 75 16.41 -5.03 11.21
N LEU B 76 15.68 -4.17 11.93
CA LEU B 76 15.57 -4.20 13.38
C LEU B 76 15.19 -5.58 13.94
N PRO B 77 15.49 -5.85 15.20
CA PRO B 77 15.09 -7.14 15.79
C PRO B 77 13.63 -7.11 16.24
N HIS B 78 13.14 -8.30 16.61
CA HIS B 78 11.73 -8.43 16.95
C HIS B 78 11.35 -7.51 18.10
N ASP B 79 12.19 -7.45 19.14
CA ASP B 79 11.84 -6.65 20.31
C ASP B 79 11.86 -5.16 19.98
N LYS B 80 12.91 -4.69 19.29
CA LYS B 80 13.04 -3.27 19.03
C LYS B 80 12.15 -2.80 17.89
N PHE B 81 11.87 -3.66 16.91
CA PHE B 81 10.93 -3.31 15.85
C PHE B 81 9.53 -3.07 16.42
N TRP B 82 9.09 -3.97 17.30
CA TRP B 82 7.77 -3.82 17.89
C TRP B 82 7.69 -2.61 18.80
N CYS B 83 8.75 -2.35 19.57
CA CYS B 83 8.83 -1.12 20.33
C CYS B 83 8.64 0.10 19.43
N GLN B 84 9.37 0.13 18.32
CA GLN B 84 9.28 1.26 17.41
C GLN B 84 7.86 1.42 16.89
N VAL B 85 7.26 0.34 16.40
CA VAL B 85 5.94 0.44 15.77
C VAL B 85 4.88 0.85 16.79
N ILE B 86 5.02 0.41 18.04
CA ILE B 86 4.01 0.73 19.03
C ILE B 86 4.15 2.17 19.50
N PHE B 87 5.39 2.64 19.69
CA PHE B 87 5.57 3.89 20.43
C PHE B 87 5.90 5.10 19.55
N ASP B 88 6.29 4.90 18.29
CA ASP B 88 6.60 6.00 17.38
C ASP B 88 5.36 6.31 16.57
N GLU B 89 4.73 7.45 16.86
CA GLU B 89 3.53 7.81 16.11
C GLU B 89 3.87 8.18 14.67
N THR B 90 5.06 8.76 14.43
CA THR B 90 5.44 9.14 13.07
C THR B 90 5.43 7.93 12.13
N LEU B 91 5.87 6.78 12.63
CA LEU B 91 5.91 5.57 11.81
C LEU B 91 4.53 5.19 11.29
N GLN B 92 3.56 5.05 12.20
CA GLN B 92 2.22 4.65 11.77
C GLN B 92 1.61 5.69 10.85
N LYS B 93 1.82 6.97 11.13
CA LYS B 93 1.27 8.01 10.27
C LYS B 93 1.93 8.00 8.89
N CYS B 94 3.21 7.66 8.84
CA CYS B 94 3.89 7.50 7.55
C CYS B 94 3.28 6.37 6.75
N LEU B 95 3.02 5.23 7.40
CA LEU B 95 2.43 4.10 6.68
C LEU B 95 1.01 4.41 6.23
N ASP B 96 0.22 5.07 7.09
CA ASP B 96 -1.10 5.53 6.69
C ASP B 96 -1.01 6.46 5.49
N SER B 97 -0.02 7.35 5.47
CA SER B 97 0.17 8.26 4.34
C SER B 97 0.39 7.49 3.05
N TYR B 98 1.32 6.52 3.09
CA TYR B 98 1.59 5.73 1.89
C TYR B 98 0.34 5.00 1.43
N LEU B 99 -0.33 4.28 2.33
CA LEU B 99 -1.51 3.52 1.94
C LEU B 99 -2.59 4.44 1.35
N ARG B 100 -2.79 5.60 1.96
CA ARG B 100 -3.85 6.50 1.52
C ARG B 100 -3.55 7.09 0.15
N TYR B 101 -2.28 7.43 -0.13
CA TYR B 101 -1.98 8.25 -1.29
C TYR B 101 -1.24 7.54 -2.42
N VAL B 102 -0.71 6.34 -2.21
CA VAL B 102 0.09 5.70 -3.26
C VAL B 102 -0.80 5.44 -4.47
N PRO B 103 -0.34 5.74 -5.69
CA PRO B 103 -1.19 5.51 -6.86
C PRO B 103 -1.49 4.03 -7.05
N ARG B 104 -2.75 3.74 -7.32
CA ARG B 104 -3.18 2.41 -7.71
C ARG B 104 -2.94 2.21 -9.20
N LYS B 105 -2.74 0.95 -9.59
CA LYS B 105 -2.45 0.67 -10.99
C LYS B 105 -3.60 1.11 -11.89
N PHE B 106 -4.83 0.81 -11.50
CA PHE B 106 -5.97 1.14 -12.36
C PHE B 106 -6.15 2.64 -12.52
N ASP B 107 -5.44 3.46 -11.75
CA ASP B 107 -5.53 4.90 -11.92
C ASP B 107 -4.92 5.32 -13.25
N GLU B 108 -5.29 6.52 -13.69
CA GLU B 108 -4.72 7.13 -14.89
C GLU B 108 -3.23 7.34 -14.69
N GLY B 109 -2.41 6.60 -15.41
CA GLY B 109 -1.00 6.51 -15.13
C GLY B 109 -0.15 6.95 -16.31
N VAL B 110 0.80 7.82 -16.05
CA VAL B 110 1.83 8.19 -16.99
C VAL B 110 3.02 7.27 -16.76
N ALA B 111 3.77 7.01 -17.82
CA ALA B 111 5.11 6.48 -17.65
C ALA B 111 6.02 7.60 -17.18
N SER B 112 6.89 7.28 -16.22
CA SER B 112 7.80 8.28 -15.67
C SER B 112 9.21 7.69 -15.62
N ALA B 113 10.15 8.52 -15.19
CA ALA B 113 11.56 8.17 -15.27
C ALA B 113 11.82 6.89 -14.47
N PRO B 114 12.76 6.04 -14.90
CA PRO B 114 12.99 4.78 -14.18
C PRO B 114 13.37 4.98 -12.73
N GLU B 115 13.91 6.14 -12.35
CA GLU B 115 14.23 6.40 -10.95
C GLU B 115 12.98 6.36 -10.09
N VAL B 116 11.91 7.05 -10.52
CA VAL B 116 10.69 7.05 -9.72
C VAL B 116 10.08 5.64 -9.70
N VAL B 117 10.20 4.89 -10.80
CA VAL B 117 9.61 3.56 -10.85
C VAL B 117 10.33 2.62 -9.91
N ASP B 118 11.66 2.64 -9.94
CA ASP B 118 12.46 1.79 -9.06
C ASP B 118 12.19 2.10 -7.60
N MSE B 119 12.16 3.38 -7.27
CA MSE B 119 11.89 3.83 -5.91
C MSE B 119 10.48 3.41 -5.45
O MSE B 119 10.29 2.94 -4.32
CB MSE B 119 12.08 5.34 -5.83
CG MSE B 119 11.85 5.91 -4.48
SE MSE B 119 12.80 4.83 -3.20
CE MSE B 119 13.52 6.23 -2.16
N GLN B 120 9.50 3.58 -6.33
CA GLN B 120 8.14 3.16 -6.01
C GLN B 120 8.07 1.66 -5.74
N LYS B 121 8.80 0.86 -6.52
CA LYS B 121 8.85 -0.58 -6.29
C LYS B 121 9.47 -0.89 -4.93
N ARG B 122 10.58 -0.22 -4.60
CA ARG B 122 11.20 -0.39 -3.29
C ARG B 122 10.18 -0.14 -2.18
N LEU B 123 9.47 0.99 -2.27
CA LEU B 123 8.49 1.35 -1.24
C LEU B 123 7.37 0.31 -1.15
N HIS B 124 6.88 -0.14 -2.30
CA HIS B 124 5.81 -1.14 -2.34
C HIS B 124 6.21 -2.40 -1.58
N ARG B 125 7.37 -2.96 -1.93
CA ARG B 125 7.81 -4.19 -1.27
C ARG B 125 8.02 -3.97 0.21
N SER B 126 8.67 -2.86 0.58
CA SER B 126 9.00 -2.66 1.98
C SER B 126 7.75 -2.48 2.83
N VAL B 127 6.76 -1.74 2.31
CA VAL B 127 5.52 -1.54 3.05
C VAL B 127 4.79 -2.85 3.24
N PHE B 128 4.70 -3.67 2.18
CA PHE B 128 4.05 -4.96 2.34
C PHE B 128 4.75 -5.80 3.40
N LEU B 129 6.09 -5.79 3.41
CA LEU B 129 6.80 -6.63 4.39
C LEU B 129 6.60 -6.12 5.82
N THR B 130 6.58 -4.80 5.99
CA THR B 130 6.29 -4.24 7.32
C THR B 130 4.91 -4.67 7.81
N PHE B 131 3.91 -4.59 6.94
CA PHE B 131 2.58 -4.99 7.38
C PHE B 131 2.51 -6.49 7.64
N LEU B 132 3.26 -7.30 6.90
CA LEU B 132 3.37 -8.72 7.22
C LEU B 132 3.93 -8.92 8.62
N ARG B 133 5.02 -8.21 8.94
CA ARG B 133 5.63 -8.37 10.26
C ARG B 133 4.62 -8.05 11.36
N MSE B 134 3.85 -6.99 11.17
CA MSE B 134 2.90 -6.59 12.22
C MSE B 134 1.66 -7.49 12.28
O MSE B 134 1.04 -7.63 13.32
CB MSE B 134 2.47 -5.15 12.04
CG MSE B 134 3.61 -4.17 12.14
SE MSE B 134 2.94 -2.35 12.14
CE MSE B 134 2.66 -2.09 10.25
N SER B 135 1.30 -8.09 11.14
CA SER B 135 0.20 -9.04 11.14
C SER B 135 0.59 -10.35 11.79
N THR B 136 1.87 -10.72 11.75
CA THR B 136 2.31 -11.96 12.38
C THR B 136 2.51 -11.75 13.88
N HIS B 137 1.92 -12.65 14.69
CA HIS B 137 2.14 -12.63 16.13
C HIS B 137 3.15 -13.66 16.58
N LYS B 138 3.66 -14.48 15.66
CA LYS B 138 4.65 -15.52 15.96
C LYS B 138 5.77 -15.41 14.92
N GLU B 139 6.63 -14.40 15.05
CA GLU B 139 7.72 -14.24 14.09
C GLU B 139 8.59 -15.49 14.04
N SER B 140 8.91 -16.07 15.20
CA SER B 140 9.43 -17.43 15.30
C SER B 140 9.48 -17.84 16.77
N LYS B 141 10.05 -19.03 17.01
CA LYS B 141 9.87 -19.73 18.29
C LYS B 141 10.22 -18.87 19.50
N ASP B 142 11.31 -18.11 19.41
CA ASP B 142 11.68 -17.26 20.54
C ASP B 142 10.93 -15.95 20.54
N HIS B 143 10.57 -15.44 19.36
CA HIS B 143 10.04 -14.10 19.21
C HIS B 143 8.57 -14.17 18.82
N PHE B 144 7.70 -14.06 19.82
CA PHE B 144 6.27 -14.18 19.61
C PHE B 144 5.54 -13.34 20.65
N ILE B 145 4.25 -13.11 20.41
CA ILE B 145 3.44 -12.27 21.29
C ILE B 145 2.16 -13.01 21.65
N SER B 146 1.72 -12.84 22.89
CA SER B 146 0.48 -13.46 23.35
C SER B 146 -0.68 -13.02 22.47
N PRO B 147 -1.51 -13.96 22.00
CA PRO B 147 -2.62 -13.58 21.10
C PRO B 147 -3.50 -12.45 21.63
N SER B 148 -3.96 -12.54 22.89
CA SER B 148 -4.85 -11.51 23.44
C SER B 148 -4.18 -10.15 23.54
N ALA B 149 -2.92 -10.14 24.00
CA ALA B 149 -2.16 -8.90 24.05
C ALA B 149 -1.85 -8.37 22.65
N PHE B 150 -1.62 -9.27 21.70
CA PHE B 150 -1.23 -8.88 20.35
C PHE B 150 -2.35 -8.09 19.68
N GLY B 151 -3.58 -8.60 19.73
CA GLY B 151 -4.69 -7.89 19.09
C GLY B 151 -5.00 -6.56 19.76
N GLU B 152 -4.84 -6.51 21.09
CA GLU B 152 -4.94 -5.24 21.79
C GLU B 152 -3.96 -4.24 21.23
N ILE B 153 -2.70 -4.64 21.07
CA ILE B 153 -1.68 -3.76 20.48
C ILE B 153 -2.12 -3.29 19.10
N LEU B 154 -2.56 -4.25 18.26
CA LEU B 154 -2.92 -3.97 16.88
C LEU B 154 -4.02 -2.94 16.76
N TYR B 155 -5.24 -3.31 17.21
CA TYR B 155 -6.31 -2.32 17.27
C TYR B 155 -5.82 -1.05 17.86
N ASN B 156 -4.94 -1.06 18.80
CA ASN B 156 -5.15 0.12 19.63
C ASN B 156 -4.02 1.11 19.60
N ASN B 157 -2.93 0.80 18.93
CA ASN B 157 -2.04 1.82 18.44
C ASN B 157 -2.35 2.15 16.99
N PHE B 158 -3.64 2.04 16.58
CA PHE B 158 -4.10 2.39 15.22
C PHE B 158 -3.25 1.74 14.14
N LEU B 159 -2.62 0.61 14.48
CA LEU B 159 -1.75 -0.09 13.53
C LEU B 159 -2.55 -0.62 12.35
N PHE B 160 -3.80 -1.01 12.58
CA PHE B 160 -4.68 -1.50 11.52
C PHE B 160 -6.02 -0.77 11.65
N ASP B 161 -6.34 0.05 10.66
CA ASP B 161 -7.67 0.58 10.50
C ASP B 161 -8.49 -0.40 9.66
N ILE B 162 -9.75 -0.06 9.43
CA ILE B 162 -10.50 -0.72 8.37
C ILE B 162 -10.07 -0.11 7.03
N PRO B 163 -9.96 1.23 6.90
CA PRO B 163 -9.43 1.77 5.64
C PRO B 163 -8.07 1.20 5.25
N LYS B 164 -7.16 1.06 6.21
CA LYS B 164 -5.84 0.52 5.90
C LYS B 164 -5.94 -0.91 5.40
N ILE B 165 -6.89 -1.69 5.92
CA ILE B 165 -7.05 -3.06 5.44
C ILE B 165 -7.54 -3.08 3.99
N LEU B 166 -8.54 -2.25 3.70
CA LEU B 166 -9.03 -2.13 2.34
C LEU B 166 -7.92 -1.70 1.39
N ASP B 167 -7.16 -0.68 1.78
CA ASP B 167 -6.01 -0.24 1.00
C ASP B 167 -5.04 -1.40 0.79
N LEU B 168 -4.73 -2.13 1.86
CA LEU B 168 -3.77 -3.22 1.76
C LEU B 168 -4.21 -4.23 0.72
N CYS B 169 -5.49 -4.59 0.72
CA CYS B 169 -6.00 -5.59 -0.23
C CYS B 169 -5.94 -5.08 -1.66
N VAL B 170 -6.48 -3.88 -1.91
CA VAL B 170 -6.49 -3.42 -3.29
C VAL B 170 -5.07 -3.21 -3.79
N LEU B 171 -4.12 -2.95 -2.88
CA LEU B 171 -2.75 -2.68 -3.30
C LEU B 171 -1.95 -3.96 -3.52
N PHE B 172 -2.10 -4.97 -2.66
CA PHE B 172 -1.24 -6.14 -2.72
C PHE B 172 -1.99 -7.44 -2.98
N GLY B 173 -3.24 -7.38 -3.43
CA GLY B 173 -4.02 -8.60 -3.46
C GLY B 173 -3.93 -9.39 -4.73
N LYS B 174 -3.63 -8.73 -5.85
CA LYS B 174 -3.53 -9.45 -7.11
C LYS B 174 -2.38 -10.45 -7.09
N GLY B 175 -1.20 -10.01 -6.69
CA GLY B 175 -0.04 -10.87 -6.70
C GLY B 175 0.12 -11.71 -5.45
N ASN B 176 0.13 -11.07 -4.29
CA ASN B 176 0.42 -11.73 -3.02
C ASN B 176 -0.83 -12.12 -2.25
N SER B 177 -1.81 -12.76 -2.93
CA SER B 177 -3.08 -13.05 -2.27
C SER B 177 -2.92 -14.05 -1.12
N PRO B 178 -2.38 -15.26 -1.34
CA PRO B 178 -2.38 -16.27 -0.24
C PRO B 178 -1.72 -15.79 1.03
N LEU B 179 -0.70 -14.94 0.93
CA LEU B 179 -0.05 -14.39 2.13
C LEU B 179 -0.95 -13.35 2.80
N LEU B 180 -1.53 -12.46 2.00
CA LEU B 180 -2.36 -11.41 2.58
C LEU B 180 -3.65 -12.00 3.17
N GLN B 181 -4.18 -13.06 2.56
CA GLN B 181 -5.25 -13.81 3.21
C GLN B 181 -4.85 -14.17 4.63
N LYS B 182 -3.68 -14.80 4.80
CA LYS B 182 -3.20 -15.20 6.11
C LYS B 182 -3.14 -14.01 7.04
N MSE B 183 -2.54 -12.91 6.59
CA MSE B 183 -2.45 -11.71 7.41
C MSE B 183 -3.79 -11.19 7.91
O MSE B 183 -3.98 -11.01 9.12
CB MSE B 183 -1.75 -10.59 6.66
CG MSE B 183 -0.30 -10.85 6.35
SE MSE B 183 0.22 -10.19 4.62
CE MSE B 183 0.09 -8.28 4.90
N ILE B 184 -4.70 -10.93 6.97
CA ILE B 184 -5.98 -10.33 7.32
C ILE B 184 -6.77 -11.27 8.22
N GLY B 185 -6.82 -12.56 7.85
CA GLY B 185 -7.49 -13.53 8.69
C GLY B 185 -6.90 -13.59 10.08
N ASN B 186 -5.58 -13.44 10.20
CA ASN B 186 -4.96 -13.49 11.51
C ASN B 186 -5.32 -12.28 12.34
N ILE B 187 -5.32 -11.09 11.75
CA ILE B 187 -5.64 -9.92 12.58
C ILE B 187 -7.11 -9.95 12.99
N PHE B 188 -8.00 -10.40 12.10
CA PHE B 188 -9.41 -10.53 12.48
C PHE B 188 -9.61 -11.63 13.52
N THR B 189 -8.81 -12.69 13.47
CA THR B 189 -8.91 -13.76 14.47
C THR B 189 -8.42 -13.27 15.83
N GLN B 190 -7.25 -12.62 15.86
CA GLN B 190 -6.66 -12.22 17.13
C GLN B 190 -7.39 -11.04 17.74
N GLN B 191 -7.96 -10.15 16.93
CA GLN B 191 -8.75 -9.03 17.43
C GLN B 191 -10.04 -8.96 16.63
N PRO B 192 -11.12 -9.55 17.15
CA PRO B 192 -12.36 -9.58 16.38
C PRO B 192 -13.13 -8.27 16.37
N SER B 193 -12.69 -7.25 17.11
CA SER B 193 -13.43 -6.00 17.12
C SER B 193 -13.33 -5.25 15.80
N TYR B 194 -12.47 -5.71 14.89
CA TYR B 194 -12.44 -5.14 13.54
C TYR B 194 -13.74 -5.41 12.81
N TYR B 195 -14.34 -6.60 13.02
CA TYR B 195 -15.69 -6.87 12.53
C TYR B 195 -16.64 -5.73 12.90
N SER B 196 -16.72 -5.42 14.20
CA SER B 196 -17.51 -4.27 14.65
C SER B 196 -17.09 -3.00 13.93
N ASP B 197 -15.77 -2.75 13.87
CA ASP B 197 -15.28 -1.63 13.09
C ASP B 197 -15.90 -1.63 11.70
N LEU B 198 -15.75 -2.75 10.99
CA LEU B 198 -16.39 -2.93 9.70
C LEU B 198 -17.87 -2.59 9.77
N ASP B 199 -18.56 -3.18 10.75
CA ASP B 199 -19.96 -2.86 10.98
C ASP B 199 -20.18 -1.35 10.98
N GLU B 200 -19.52 -0.64 11.89
CA GLU B 200 -19.75 0.79 12.02
C GLU B 200 -19.38 1.54 10.75
N THR B 201 -18.48 0.98 9.95
CA THR B 201 -18.05 1.64 8.73
C THR B 201 -19.04 1.45 7.59
N LEU B 202 -19.84 0.39 7.64
CA LEU B 202 -20.74 0.11 6.53
C LEU B 202 -21.72 1.24 6.23
N PRO B 203 -22.36 1.88 7.21
CA PRO B 203 -23.23 3.02 6.87
C PRO B 203 -22.53 4.10 6.06
N THR B 204 -21.26 4.39 6.36
CA THR B 204 -20.53 5.38 5.57
C THR B 204 -20.31 4.86 4.16
N ILE B 205 -19.92 3.59 4.03
CA ILE B 205 -19.69 2.99 2.72
C ILE B 205 -20.91 3.16 1.83
N LEU B 206 -22.06 2.67 2.31
CA LEU B 206 -23.31 2.82 1.57
C LEU B 206 -23.58 4.28 1.26
N GLN B 207 -23.30 5.16 2.24
CA GLN B 207 -23.50 6.59 2.01
C GLN B 207 -22.77 7.05 0.75
N VAL B 208 -21.53 6.58 0.58
CA VAL B 208 -20.78 6.84 -0.64
C VAL B 208 -21.68 6.66 -1.86
N PHE B 209 -22.28 5.47 -1.99
CA PHE B 209 -23.11 5.17 -3.16
C PHE B 209 -24.22 6.19 -3.33
N SER B 210 -24.98 6.47 -2.26
CA SER B 210 -26.08 7.43 -2.41
C SER B 210 -25.55 8.79 -2.83
N ASN B 211 -24.41 9.21 -2.27
CA ASN B 211 -23.80 10.46 -2.66
C ASN B 211 -23.59 10.50 -4.16
N ILE B 212 -23.01 9.43 -4.72
CA ILE B 212 -22.83 9.35 -6.16
C ILE B 212 -24.15 9.59 -6.86
N LEU B 213 -25.18 8.83 -6.47
CA LEU B 213 -26.52 9.07 -7.01
C LEU B 213 -26.93 10.52 -6.85
N GLN B 214 -26.83 11.03 -5.62
CA GLN B 214 -27.25 12.39 -5.35
C GLN B 214 -26.42 13.40 -6.13
N HIS B 215 -25.19 13.05 -6.51
CA HIS B 215 -24.39 14.00 -7.27
C HIS B 215 -24.79 14.02 -8.74
N CYS B 216 -25.34 12.92 -9.25
CA CYS B 216 -25.83 12.86 -10.62
C CYS B 216 -27.31 13.18 -10.73
N GLY B 217 -27.95 13.55 -9.62
CA GLY B 217 -29.39 13.79 -9.62
C GLY B 217 -30.19 12.56 -10.00
N LEU B 218 -29.85 11.41 -9.44
CA LEU B 218 -30.50 10.16 -9.79
C LEU B 218 -31.33 9.58 -8.66
N GLN B 219 -30.77 9.51 -7.44
CA GLN B 219 -31.44 8.95 -6.26
C GLN B 219 -32.21 7.65 -6.54
N GLU B 231 -29.62 16.61 1.19
CA GLU B 231 -30.46 17.67 0.65
C GLU B 231 -29.68 18.50 -0.38
N GLU B 232 -29.40 17.89 -1.54
CA GLU B 232 -28.65 18.53 -2.61
C GLU B 232 -29.64 18.92 -3.70
N ARG B 233 -30.04 20.20 -3.68
CA ARG B 233 -30.85 20.84 -4.73
C ARG B 233 -30.40 20.33 -6.10
N GLY B 234 -31.36 19.86 -6.91
CA GLY B 234 -31.18 19.37 -8.26
C GLY B 234 -29.85 19.61 -8.94
N ARG B 235 -28.98 18.62 -8.87
CA ARG B 235 -27.74 18.62 -9.63
C ARG B 235 -27.98 18.02 -11.02
N LEU B 236 -27.06 18.31 -11.93
CA LEU B 236 -27.25 17.94 -13.32
C LEU B 236 -26.99 16.46 -13.55
N THR B 237 -27.83 15.85 -14.39
CA THR B 237 -27.63 14.47 -14.79
C THR B 237 -26.33 14.35 -15.56
N PRO B 238 -25.77 13.13 -15.67
CA PRO B 238 -24.50 12.96 -16.39
C PRO B 238 -24.51 13.50 -17.81
N SER B 239 -25.67 13.57 -18.46
CA SER B 239 -25.72 14.08 -19.82
C SER B 239 -25.42 15.58 -19.87
N ASP B 240 -25.71 16.30 -18.79
CA ASP B 240 -25.55 17.75 -18.76
C ASP B 240 -24.29 18.18 -18.02
N MSE B 241 -24.05 17.61 -16.84
CA MSE B 241 -22.92 17.95 -16.00
C MSE B 241 -21.60 18.18 -16.74
O MSE B 241 -21.34 17.57 -17.79
CB MSE B 241 -22.73 16.86 -14.96
CG MSE B 241 -22.19 15.58 -15.51
SE MSE B 241 -21.75 14.41 -14.01
CE MSE B 241 -23.25 14.67 -12.84
N PRO B 242 -20.76 19.07 -16.20
CA PRO B 242 -19.44 19.30 -16.79
C PRO B 242 -18.63 18.02 -16.85
N LEU B 243 -17.76 17.95 -17.87
CA LEU B 243 -17.13 16.69 -18.23
C LEU B 243 -16.31 16.10 -17.10
N LEU B 244 -15.44 16.91 -16.51
CA LEU B 244 -14.50 16.37 -15.52
C LEU B 244 -15.12 16.22 -14.13
N GLU B 245 -16.30 16.78 -13.89
CA GLU B 245 -17.10 16.34 -12.75
C GLU B 245 -17.57 14.91 -12.95
N LEU B 246 -18.05 14.60 -14.15
CA LEU B 246 -18.41 13.23 -14.50
C LEU B 246 -17.21 12.31 -14.41
N LYS B 247 -16.05 12.78 -14.87
CA LYS B 247 -14.82 12.01 -14.75
C LYS B 247 -14.54 11.66 -13.30
N ASP B 248 -14.70 12.64 -12.40
CA ASP B 248 -14.46 12.39 -10.98
C ASP B 248 -15.45 11.40 -10.43
N ILE B 249 -16.72 11.52 -10.83
CA ILE B 249 -17.74 10.59 -10.33
C ILE B 249 -17.38 9.16 -10.69
N VAL B 250 -17.07 8.91 -11.97
CA VAL B 250 -16.81 7.52 -12.34
C VAL B 250 -15.45 7.05 -11.83
N LEU B 251 -14.49 7.97 -11.63
CA LEU B 251 -13.23 7.58 -11.00
C LEU B 251 -13.44 7.16 -9.56
N TYR B 252 -14.22 7.94 -8.82
CA TYR B 252 -14.59 7.59 -7.45
C TYR B 252 -15.33 6.26 -7.40
N LEU B 253 -16.29 6.06 -8.31
CA LEU B 253 -17.05 4.81 -8.33
C LEU B 253 -16.14 3.62 -8.63
N CYS B 254 -15.25 3.77 -9.61
CA CYS B 254 -14.32 2.70 -9.97
C CYS B 254 -13.40 2.35 -8.82
N ASP B 255 -12.81 3.37 -8.18
CA ASP B 255 -11.96 3.11 -7.01
C ASP B 255 -12.75 2.39 -5.93
N THR B 256 -13.98 2.83 -5.68
CA THR B 256 -14.78 2.28 -4.60
C THR B 256 -15.11 0.81 -4.84
N CYS B 257 -15.58 0.50 -6.06
CA CYS B 257 -15.93 -0.88 -6.39
C CYS B 257 -14.71 -1.78 -6.40
N THR B 258 -13.61 -1.32 -6.98
CA THR B 258 -12.39 -2.13 -6.99
C THR B 258 -11.91 -2.41 -5.57
N THR B 259 -11.92 -1.39 -4.71
CA THR B 259 -11.45 -1.58 -3.34
C THR B 259 -12.33 -2.55 -2.56
N LEU B 260 -13.65 -2.34 -2.62
CA LEU B 260 -14.56 -3.26 -1.94
C LEU B 260 -14.41 -4.68 -2.47
N TRP B 261 -14.33 -4.85 -3.79
CA TRP B 261 -14.21 -6.18 -4.35
C TRP B 261 -12.90 -6.84 -3.94
N ALA B 262 -11.80 -6.10 -3.99
CA ALA B 262 -10.51 -6.67 -3.59
C ALA B 262 -10.53 -7.07 -2.12
N PHE B 263 -11.15 -6.25 -1.27
CA PHE B 263 -11.24 -6.60 0.13
C PHE B 263 -12.00 -7.91 0.32
N LEU B 264 -13.12 -8.07 -0.39
CA LEU B 264 -13.89 -9.30 -0.21
C LEU B 264 -13.25 -10.48 -0.90
N ASP B 265 -12.39 -10.24 -1.90
CA ASP B 265 -11.64 -11.32 -2.53
C ASP B 265 -10.57 -11.84 -1.59
N ILE B 266 -9.95 -10.96 -0.81
CA ILE B 266 -8.96 -11.41 0.16
C ILE B 266 -9.63 -12.03 1.39
N PHE B 267 -10.70 -11.40 1.88
CA PHE B 267 -11.31 -11.76 3.17
C PHE B 267 -12.82 -11.92 3.03
N PRO B 268 -13.28 -13.01 2.42
CA PRO B 268 -14.73 -13.19 2.23
C PRO B 268 -15.53 -13.39 3.50
N LEU B 269 -14.89 -13.67 4.65
CA LEU B 269 -15.63 -13.77 5.91
C LEU B 269 -16.34 -12.48 6.28
N ALA B 270 -15.99 -11.36 5.64
CA ALA B 270 -16.62 -10.08 5.95
C ALA B 270 -18.03 -9.98 5.40
N CYS B 271 -18.40 -10.87 4.48
CA CYS B 271 -19.59 -10.68 3.65
C CYS B 271 -20.86 -10.60 4.48
N GLN B 272 -20.98 -11.44 5.51
CA GLN B 272 -22.18 -11.40 6.33
C GLN B 272 -22.32 -10.05 7.01
N THR B 273 -21.22 -9.50 7.52
CA THR B 273 -21.25 -8.13 8.03
C THR B 273 -21.83 -7.18 7.00
N PHE B 274 -21.42 -7.34 5.73
CA PHE B 274 -22.00 -6.53 4.65
C PHE B 274 -23.49 -6.79 4.51
N GLN B 275 -23.88 -8.07 4.46
CA GLN B 275 -25.28 -8.35 4.16
C GLN B 275 -26.20 -7.99 5.31
N LYS B 276 -25.67 -7.92 6.54
CA LYS B 276 -26.44 -7.41 7.66
C LYS B 276 -26.98 -6.00 7.36
N HIS B 277 -26.31 -5.27 6.47
CA HIS B 277 -26.74 -3.93 6.09
C HIS B 277 -27.44 -3.91 4.74
N ASP B 278 -28.05 -5.03 4.35
CA ASP B 278 -28.87 -5.12 3.14
C ASP B 278 -28.06 -4.72 1.90
N PHE B 279 -26.86 -5.28 1.77
CA PHE B 279 -25.93 -4.80 0.75
C PHE B 279 -26.30 -5.27 -0.65
N CYS B 280 -26.67 -6.55 -0.79
CA CYS B 280 -27.04 -7.08 -2.10
C CYS B 280 -28.13 -6.25 -2.77
N TYR B 281 -29.17 -5.87 -2.01
CA TYR B 281 -30.21 -5.04 -2.60
C TYR B 281 -29.71 -3.63 -2.88
N ARG B 282 -28.90 -3.08 -1.98
CA ARG B 282 -28.46 -1.71 -2.15
C ARG B 282 -27.62 -1.54 -3.41
N LEU B 283 -26.75 -2.51 -3.70
CA LEU B 283 -25.95 -2.37 -4.90
C LEU B 283 -26.73 -2.73 -6.15
N ALA B 284 -27.71 -3.63 -6.03
CA ALA B 284 -28.57 -3.92 -7.18
C ALA B 284 -29.35 -2.68 -7.59
N SER B 285 -29.99 -2.01 -6.62
CA SER B 285 -30.78 -0.82 -6.96
C SER B 285 -29.88 0.33 -7.37
N PHE B 286 -28.70 0.46 -6.76
CA PHE B 286 -27.75 1.46 -7.23
C PHE B 286 -27.37 1.19 -8.68
N TYR B 287 -27.12 -0.07 -9.02
CA TYR B 287 -26.85 -0.44 -10.41
C TYR B 287 -27.96 0.03 -11.32
N GLU B 288 -29.20 -0.31 -10.96
CA GLU B 288 -30.35 0.10 -11.78
C GLU B 288 -30.42 1.62 -11.94
N ALA B 289 -30.21 2.37 -10.87
CA ALA B 289 -30.36 3.82 -10.96
C ALA B 289 -29.22 4.43 -11.76
N ALA B 290 -27.99 4.07 -11.42
CA ALA B 290 -26.81 4.77 -11.89
C ALA B 290 -26.42 4.33 -13.29
N ILE B 291 -26.35 3.01 -13.53
CA ILE B 291 -25.68 2.48 -14.73
C ILE B 291 -26.31 2.97 -16.03
N PRO B 292 -27.64 2.85 -16.23
CA PRO B 292 -28.21 3.27 -17.52
C PRO B 292 -27.91 4.73 -17.89
N GLU B 293 -28.13 5.65 -16.95
CA GLU B 293 -27.97 7.07 -17.27
C GLU B 293 -26.53 7.39 -17.63
N MSE B 294 -25.57 6.87 -16.87
CA MSE B 294 -24.16 7.12 -17.12
C MSE B 294 -23.68 6.48 -18.40
O MSE B 294 -22.88 7.05 -19.14
CB MSE B 294 -23.31 6.63 -15.95
CG MSE B 294 -23.82 7.01 -14.57
SE MSE B 294 -22.29 6.97 -13.37
CE MSE B 294 -22.86 5.90 -11.91
N GLU B 295 -24.17 5.26 -18.68
CA GLU B 295 -23.92 4.63 -19.97
C GLU B 295 -24.35 5.53 -21.12
N SER B 296 -25.61 5.98 -21.09
CA SER B 296 -26.12 6.80 -22.18
C SER B 296 -25.36 8.12 -22.29
N ALA B 297 -25.01 8.72 -21.16
CA ALA B 297 -24.32 10.00 -21.20
C ALA B 297 -22.92 9.86 -21.79
N ILE B 298 -22.18 8.83 -21.37
CA ILE B 298 -20.85 8.59 -21.90
C ILE B 298 -20.93 8.35 -23.41
N LYS B 299 -21.88 7.53 -23.83
CA LYS B 299 -22.04 7.25 -25.25
C LYS B 299 -22.34 8.51 -26.04
N LYS B 300 -23.30 9.31 -25.55
CA LYS B 300 -23.71 10.52 -26.26
C LYS B 300 -22.56 11.50 -26.40
N ARG B 301 -21.83 11.73 -25.30
CA ARG B 301 -20.80 12.77 -25.28
C ARG B 301 -19.41 12.26 -25.63
N ARG B 302 -19.30 11.04 -26.17
CA ARG B 302 -17.99 10.51 -26.57
C ARG B 302 -17.15 11.47 -27.42
N LEU B 303 -17.77 12.28 -28.29
CA LEU B 303 -16.96 13.08 -29.21
C LEU B 303 -16.55 14.43 -28.63
N GLU B 304 -17.12 14.82 -27.49
CA GLU B 304 -16.56 15.94 -26.74
C GLU B 304 -15.09 15.66 -26.40
N ASP B 305 -14.80 14.42 -26.01
CA ASP B 305 -13.41 14.00 -25.79
C ASP B 305 -13.31 12.50 -26.10
N SER B 306 -13.08 12.19 -27.38
CA SER B 306 -12.54 10.92 -27.86
C SER B 306 -11.89 10.05 -26.79
N LYS B 307 -10.76 10.50 -26.23
CA LYS B 307 -9.95 9.63 -25.40
C LYS B 307 -10.46 9.55 -23.96
N LEU B 308 -10.90 10.68 -23.42
CA LEU B 308 -11.43 10.70 -22.06
C LEU B 308 -12.64 9.79 -21.92
N LEU B 309 -13.60 9.92 -22.85
CA LEU B 309 -14.85 9.20 -22.73
C LEU B 309 -14.67 7.70 -22.90
N GLY B 310 -13.72 7.27 -23.72
CA GLY B 310 -13.41 5.84 -23.81
C GLY B 310 -12.81 5.29 -22.54
N ASP B 311 -11.93 6.08 -21.90
CA ASP B 311 -11.40 5.67 -20.59
C ASP B 311 -12.52 5.58 -19.55
N LEU B 312 -13.42 6.57 -19.53
CA LEU B 312 -14.55 6.53 -18.62
C LEU B 312 -15.43 5.31 -18.89
N TRP B 313 -15.59 4.93 -20.16
CA TRP B 313 -16.36 3.75 -20.49
C TRP B 313 -15.69 2.49 -19.94
N GLN B 314 -14.38 2.38 -20.13
CA GLN B 314 -13.64 1.25 -19.56
C GLN B 314 -13.85 1.16 -18.06
N ARG B 315 -13.73 2.29 -17.37
CA ARG B 315 -13.88 2.32 -15.92
C ARG B 315 -15.30 1.96 -15.50
N LEU B 316 -16.31 2.46 -16.23
CA LEU B 316 -17.69 2.15 -15.89
C LEU B 316 -17.98 0.66 -16.05
N SER B 317 -17.51 0.05 -17.14
CA SER B 317 -17.73 -1.38 -17.33
C SER B 317 -16.98 -2.19 -16.27
N HIS B 318 -15.76 -1.78 -15.95
CA HIS B 318 -15.03 -2.41 -14.85
C HIS B 318 -15.81 -2.31 -13.54
N SER B 319 -16.42 -1.16 -13.27
CA SER B 319 -17.16 -0.97 -12.02
C SER B 319 -18.39 -1.86 -11.98
N ARG B 320 -19.08 -1.99 -13.11
CA ARG B 320 -20.26 -2.86 -13.14
C ARG B 320 -19.87 -4.31 -12.89
N LYS B 321 -18.79 -4.76 -13.55
CA LYS B 321 -18.32 -6.12 -13.34
C LYS B 321 -17.95 -6.36 -11.87
N LYS B 322 -17.22 -5.42 -11.26
CA LYS B 322 -16.82 -5.59 -9.87
C LYS B 322 -18.02 -5.57 -8.93
N LEU B 323 -19.04 -4.76 -9.24
CA LEU B 323 -20.24 -4.74 -8.42
C LEU B 323 -20.92 -6.11 -8.44
N MSE B 324 -21.06 -6.69 -9.63
CA MSE B 324 -21.72 -8.00 -9.71
C MSE B 324 -20.90 -9.10 -9.03
O MSE B 324 -21.44 -10.04 -8.44
CB MSE B 324 -22.01 -8.39 -11.14
CG MSE B 324 -23.33 -7.86 -11.63
SE MSE B 324 -23.07 -6.42 -12.85
CE MSE B 324 -22.77 -7.49 -14.45
N GLU B 325 -19.57 -8.98 -9.13
CA GLU B 325 -18.71 -9.95 -8.46
C GLU B 325 -18.85 -9.83 -6.95
N ILE B 326 -18.96 -8.61 -6.44
CA ILE B 326 -19.24 -8.42 -5.01
C ILE B 326 -20.54 -9.10 -4.63
N PHE B 327 -21.61 -8.83 -5.40
CA PHE B 327 -22.91 -9.45 -5.17
C PHE B 327 -22.79 -10.96 -5.07
N HIS B 328 -22.12 -11.58 -6.04
CA HIS B 328 -22.05 -13.03 -6.04
C HIS B 328 -21.17 -13.55 -4.90
N ILE B 329 -20.11 -12.83 -4.54
CA ILE B 329 -19.27 -13.28 -3.43
C ILE B 329 -20.09 -13.34 -2.15
N ILE B 330 -20.90 -12.31 -1.90
CA ILE B 330 -21.73 -12.28 -0.69
C ILE B 330 -22.77 -13.40 -0.74
N LEU B 331 -23.47 -13.51 -1.87
CA LEU B 331 -24.47 -14.56 -2.02
C LEU B 331 -23.88 -15.94 -1.73
N ASN B 332 -22.75 -16.26 -2.37
CA ASN B 332 -22.10 -17.54 -2.17
C ASN B 332 -21.74 -17.75 -0.71
N GLN B 333 -21.07 -16.76 -0.10
CA GLN B 333 -20.55 -16.93 1.25
C GLN B 333 -21.67 -17.19 2.26
N ILE B 334 -22.81 -16.51 2.12
CA ILE B 334 -23.83 -16.63 3.16
C ILE B 334 -24.96 -17.60 2.81
N CYS B 335 -25.02 -18.12 1.58
CA CYS B 335 -26.06 -19.08 1.24
C CYS B 335 -25.50 -20.32 0.57
N LEU B 336 -24.72 -20.12 -0.50
CA LEU B 336 -24.35 -21.24 -1.33
C LEU B 336 -23.26 -22.06 -0.66
N LEU B 337 -22.19 -21.41 -0.22
CA LEU B 337 -21.12 -22.11 0.49
C LEU B 337 -21.62 -22.83 1.73
N PRO B 338 -22.44 -22.22 2.60
CA PRO B 338 -22.95 -22.97 3.77
C PRO B 338 -23.75 -24.19 3.41
N ILE B 339 -24.41 -24.20 2.26
CA ILE B 339 -25.21 -25.34 1.84
C ILE B 339 -24.31 -26.49 1.37
N LEU B 340 -23.30 -26.17 0.57
CA LEU B 340 -22.40 -27.19 0.05
C LEU B 340 -21.66 -27.91 1.17
N GLU B 341 -21.07 -27.17 2.09
CA GLU B 341 -20.52 -27.74 3.30
C GLU B 341 -21.65 -28.15 4.25
N SER B 342 -21.30 -28.95 5.25
CA SER B 342 -22.10 -29.10 6.47
C SER B 342 -23.55 -29.47 6.16
N SER B 343 -23.71 -30.50 5.32
CA SER B 343 -25.05 -30.92 4.88
C SER B 343 -25.61 -31.96 5.86
N CYS B 344 -25.87 -31.48 7.07
CA CYS B 344 -26.72 -32.14 8.05
C CYS B 344 -28.20 -31.96 7.74
N ASP B 345 -28.51 -31.31 6.61
CA ASP B 345 -29.87 -31.11 6.11
C ASP B 345 -30.69 -30.18 7.01
N ASN B 346 -30.11 -29.01 7.33
CA ASN B 346 -30.80 -27.90 7.99
C ASN B 346 -30.39 -26.61 7.27
N ILE B 347 -30.80 -26.52 6.01
CA ILE B 347 -30.38 -25.45 5.11
C ILE B 347 -31.55 -24.57 4.70
N GLN B 348 -32.71 -24.74 5.32
CA GLN B 348 -33.89 -23.98 4.93
C GLN B 348 -33.65 -22.48 5.07
N GLY B 349 -33.04 -22.07 6.18
CA GLY B 349 -32.78 -20.65 6.40
C GLY B 349 -31.86 -20.07 5.33
N PHE B 350 -30.82 -20.82 4.96
CA PHE B 350 -29.95 -20.40 3.86
C PHE B 350 -30.75 -20.25 2.56
N ILE B 351 -31.54 -21.28 2.24
CA ILE B 351 -32.42 -21.25 1.07
C ILE B 351 -33.35 -20.04 1.14
N GLU B 352 -33.96 -19.81 2.30
CA GLU B 352 -34.90 -18.72 2.42
C GLU B 352 -34.21 -17.38 2.25
N GLU B 353 -32.97 -17.26 2.72
CA GLU B 353 -32.25 -16.00 2.55
C GLU B 353 -31.98 -15.74 1.08
N PHE B 354 -31.54 -16.76 0.35
CA PHE B 354 -31.36 -16.65 -1.09
C PHE B 354 -32.66 -16.16 -1.76
N LEU B 355 -33.77 -16.85 -1.48
CA LEU B 355 -35.03 -16.50 -2.10
C LEU B 355 -35.46 -15.06 -1.78
N GLN B 356 -35.29 -14.65 -0.51
CA GLN B 356 -35.63 -13.30 -0.12
C GLN B 356 -34.80 -12.27 -0.88
N ILE B 357 -33.49 -12.51 -0.96
CA ILE B 357 -32.61 -11.58 -1.67
C ILE B 357 -33.11 -11.37 -3.09
N PHE B 358 -33.49 -12.45 -3.77
CA PHE B 358 -33.89 -12.25 -5.16
C PHE B 358 -35.30 -11.68 -5.30
N SER B 359 -36.21 -12.05 -4.40
CA SER B 359 -37.54 -11.44 -4.39
C SER B 359 -37.45 -9.93 -4.21
N SER B 360 -36.44 -9.45 -3.50
CA SER B 360 -36.35 -8.01 -3.25
C SER B 360 -35.83 -7.23 -4.44
N LEU B 361 -35.35 -7.91 -5.49
CA LEU B 361 -34.82 -7.20 -6.65
C LEU B 361 -35.39 -7.74 -7.97
N LEU B 362 -36.48 -8.51 -7.91
CA LEU B 362 -37.25 -8.85 -9.12
C LEU B 362 -37.44 -7.69 -10.08
N GLN B 363 -37.70 -6.49 -9.55
CA GLN B 363 -38.01 -5.34 -10.40
C GLN B 363 -36.79 -4.70 -11.04
N GLU B 364 -35.58 -5.06 -10.63
CA GLU B 364 -34.36 -4.44 -11.13
C GLU B 364 -33.88 -5.14 -12.40
N LYS B 365 -34.65 -4.94 -13.48
CA LYS B 365 -34.52 -5.79 -14.66
C LYS B 365 -33.17 -5.62 -15.35
N ARG B 366 -32.66 -4.39 -15.43
CA ARG B 366 -31.36 -4.18 -16.07
C ARG B 366 -30.24 -4.83 -15.27
N PHE B 367 -30.25 -4.64 -13.96
CA PHE B 367 -29.26 -5.32 -13.13
C PHE B 367 -29.45 -6.84 -13.21
N LEU B 368 -30.70 -7.30 -13.21
CA LEU B 368 -30.94 -8.73 -13.27
C LEU B 368 -30.37 -9.33 -14.54
N ARG B 369 -30.60 -8.66 -15.68
CA ARG B 369 -30.14 -9.17 -16.96
C ARG B 369 -28.62 -9.32 -16.99
N ASP B 370 -27.91 -8.26 -16.61
CA ASP B 370 -26.45 -8.28 -16.62
C ASP B 370 -25.89 -9.27 -15.60
N TYR B 371 -26.46 -9.27 -14.39
CA TYR B 371 -26.02 -10.20 -13.35
C TYR B 371 -26.23 -11.64 -13.78
N ASP B 372 -27.37 -11.95 -14.38
CA ASP B 372 -27.61 -13.30 -14.89
C ASP B 372 -26.63 -13.64 -16.02
N ALA B 373 -26.31 -12.66 -16.86
CA ALA B 373 -25.34 -12.91 -17.92
C ALA B 373 -24.00 -13.33 -17.33
N LEU B 374 -23.61 -12.73 -16.19
CA LEU B 374 -22.30 -13.05 -15.63
C LEU B 374 -22.31 -14.27 -14.69
N PHE B 375 -23.20 -14.27 -13.68
CA PHE B 375 -23.40 -15.41 -12.78
C PHE B 375 -24.83 -15.91 -12.98
N PRO B 376 -25.05 -16.88 -13.87
CA PRO B 376 -26.43 -17.31 -14.17
C PRO B 376 -27.19 -17.72 -12.91
N VAL B 377 -28.44 -17.25 -12.82
CA VAL B 377 -29.28 -17.52 -11.65
C VAL B 377 -29.74 -18.97 -11.64
N ALA B 378 -30.11 -19.51 -12.81
CA ALA B 378 -30.62 -20.89 -12.87
C ALA B 378 -29.64 -21.88 -12.28
N GLU B 379 -28.34 -21.62 -12.45
CA GLU B 379 -27.33 -22.55 -11.96
C GLU B 379 -27.24 -22.52 -10.44
N ASP B 380 -27.50 -21.37 -9.82
CA ASP B 380 -27.49 -21.31 -8.36
C ASP B 380 -28.80 -21.78 -7.75
N ILE B 381 -29.92 -21.63 -8.48
CA ILE B 381 -31.19 -22.15 -8.00
C ILE B 381 -31.16 -23.67 -7.96
N SER B 382 -30.56 -24.30 -8.97
CA SER B 382 -30.47 -25.75 -8.96
C SER B 382 -29.62 -26.26 -7.80
N LEU B 383 -28.68 -25.46 -7.30
CA LEU B 383 -27.94 -25.87 -6.11
C LEU B 383 -28.87 -26.04 -4.92
N LEU B 384 -29.72 -25.04 -4.68
CA LEU B 384 -30.71 -25.15 -3.62
C LEU B 384 -31.64 -26.32 -3.85
N GLN B 385 -32.08 -26.50 -5.10
CA GLN B 385 -33.02 -27.58 -5.40
C GLN B 385 -32.38 -28.95 -5.19
N GLN B 386 -31.10 -29.08 -5.50
CA GLN B 386 -30.39 -30.34 -5.26
C GLN B 386 -30.21 -30.59 -3.77
N ALA B 387 -29.86 -29.54 -3.02
CA ALA B 387 -29.55 -29.74 -1.61
C ALA B 387 -30.81 -30.01 -0.79
N SER B 388 -31.90 -29.31 -1.08
CA SER B 388 -33.15 -29.52 -0.38
C SER B 388 -33.81 -30.78 -0.89
N SER B 389 -34.21 -31.66 0.02
CA SER B 389 -34.94 -32.86 -0.40
C SER B 389 -36.34 -32.51 -0.91
N VAL B 390 -36.86 -31.33 -0.55
CA VAL B 390 -38.28 -31.05 -0.75
C VAL B 390 -38.48 -29.62 -1.27
N LEU B 391 -37.99 -29.33 -2.47
CA LEU B 391 -38.08 -27.98 -3.02
C LEU B 391 -38.88 -28.00 -4.33
N ASP B 392 -40.09 -27.45 -4.27
CA ASP B 392 -40.98 -27.39 -5.43
C ASP B 392 -40.66 -26.18 -6.30
N GLU B 393 -41.06 -26.28 -7.57
CA GLU B 393 -40.83 -25.20 -8.51
C GLU B 393 -41.52 -23.91 -8.08
N THR B 394 -42.62 -24.05 -7.33
CA THR B 394 -43.34 -22.91 -6.77
C THR B 394 -42.39 -21.89 -6.16
N ARG B 395 -41.43 -22.38 -5.39
CA ARG B 395 -40.60 -21.52 -4.58
C ARG B 395 -39.61 -20.68 -5.39
N THR B 396 -39.28 -21.09 -6.62
CA THR B 396 -38.30 -20.34 -7.41
C THR B 396 -38.82 -19.86 -8.76
N ALA B 397 -39.94 -20.37 -9.25
CA ALA B 397 -40.40 -20.10 -10.61
C ALA B 397 -40.41 -18.61 -10.92
N TYR B 398 -41.04 -17.81 -10.06
CA TYR B 398 -41.16 -16.38 -10.32
C TYR B 398 -39.79 -15.74 -10.54
N ILE B 399 -38.80 -16.12 -9.74
CA ILE B 399 -37.45 -15.56 -9.91
C ILE B 399 -36.97 -15.77 -11.34
N LEU B 400 -37.09 -17.01 -11.83
CA LEU B 400 -36.67 -17.28 -13.20
C LEU B 400 -37.49 -16.47 -14.20
N GLN B 401 -38.81 -16.37 -13.96
CA GLN B 401 -39.61 -15.61 -14.91
C GLN B 401 -39.29 -14.12 -14.82
N ALA B 402 -38.73 -13.68 -13.70
CA ALA B 402 -38.13 -12.35 -13.67
C ALA B 402 -36.95 -12.29 -14.63
N VAL B 403 -35.97 -13.18 -14.43
CA VAL B 403 -34.79 -13.21 -15.27
C VAL B 403 -35.18 -13.19 -16.74
N GLU B 404 -36.03 -14.14 -17.14
CA GLU B 404 -36.50 -14.21 -18.51
C GLU B 404 -36.98 -12.84 -18.99
N SER B 405 -37.96 -12.26 -18.29
CA SER B 405 -38.51 -11.01 -18.78
C SER B 405 -37.47 -9.90 -18.77
N ALA B 406 -36.52 -9.95 -17.84
CA ALA B 406 -35.43 -8.98 -17.82
C ALA B 406 -34.67 -8.99 -19.14
N TRP B 407 -34.40 -10.19 -19.67
CA TRP B 407 -33.77 -10.27 -20.98
C TRP B 407 -34.75 -9.84 -22.07
N GLU B 408 -36.00 -10.26 -21.97
CA GLU B 408 -36.95 -10.06 -23.06
C GLU B 408 -37.26 -8.58 -23.29
N GLY B 409 -36.98 -7.73 -22.30
CA GLY B 409 -37.19 -6.31 -22.49
C GLY B 409 -36.26 -5.70 -23.53
N VAL B 410 -35.05 -6.23 -23.66
CA VAL B 410 -34.06 -5.67 -24.57
C VAL B 410 -33.93 -6.59 -25.77
N ASP B 411 -33.49 -6.02 -26.90
CA ASP B 411 -33.04 -6.83 -28.03
C ASP B 411 -31.54 -7.03 -27.91
N ARG B 412 -31.14 -8.28 -27.76
CA ARG B 412 -29.75 -8.68 -27.57
C ARG B 412 -29.02 -8.84 -28.90
#